data_5HTC
#
_entry.id   5HTC
#
_cell.length_a   77.970
_cell.length_b   78.903
_cell.length_c   81.060
_cell.angle_alpha   90.00
_cell.angle_beta   90.00
_cell.angle_gamma   90.00
#
_symmetry.space_group_name_H-M   'P 21 21 21'
#
loop_
_entity.id
_entity.type
_entity.pdbx_description
1 polymer 'Serine/threonine-protein kinase haspin'
2 polymer 'ARC-3372 INHIBITOR'
3 non-polymer (4S)-2-METHYL-2,4-PENTANEDIOL
4 non-polymer 'SODIUM ION'
5 non-polymer 'DIMETHYL SULFOXIDE'
6 non-polymer '(2R)-2-{[6-({[(2S,3S,4R,5R)-5-(6-amino-9H-purin-9-yl)-3,4-dihydroxytetrahydrofuran-2-yl]carbonyl}amino)hexanoyl]amino}butanedioic acid (non-preferred name)'
7 water water
#
loop_
_entity_poly.entity_id
_entity_poly.type
_entity_poly.pdbx_seq_one_letter_code
_entity_poly.pdbx_strand_id
1 'polypeptide(L)'
;MHHHHHHSSGVDLGTENLYFQSMGECSQKGPVPFSHCLPTEKLQRCEKIGEGVFGEVFQTIADHTPVAIKIIAIEGPDLV
NGSHQKTFEEILPEIIISKELSLLSGEVCNRTEGFIGLNSVHCVQGSYPPLLLKAWDHYNSTKGSANDRPDFFKDDQLFI
VLEFEFGGIDLEQMRTKLSSLATAKSILHQLTASLAVAEASLRFEHRDLHWGNVLLKKTSLKKLHYTLNGKSSTIPSCGL
QVSIIDYTLSRLERDGIVVFCDVSMDEDLFTGDGDYQFDIYRLMKKENNNRWGEYHPYSNVLWLHYLTDKMLKQMTFKTK
CNTPAMKQIKRKIQEFHRTMLNFSSATDLLCQHSLFK
;
A
2 'polypeptide(L)' ARKKQT(66N) C
#
# COMPACT_ATOMS: atom_id res chain seq x y z
N GLY A 30 -20.76 19.98 -5.65
CA GLY A 30 -20.07 20.23 -6.97
C GLY A 30 -18.57 20.01 -6.85
N PRO A 31 -17.92 19.60 -7.94
CA PRO A 31 -16.45 19.54 -7.92
C PRO A 31 -15.77 20.90 -7.67
N VAL A 32 -14.52 20.85 -7.23
CA VAL A 32 -13.70 22.03 -6.96
C VAL A 32 -12.57 22.13 -8.00
N PRO A 33 -11.94 23.31 -8.14
CA PRO A 33 -10.76 23.39 -8.97
C PRO A 33 -9.56 22.79 -8.36
N PHE A 34 -8.57 22.50 -9.18
CA PHE A 34 -7.34 21.94 -8.66
C PHE A 34 -6.73 22.84 -7.56
N SER A 35 -6.83 24.16 -7.73
CA SER A 35 -6.25 25.12 -6.81
C SER A 35 -6.77 25.02 -5.36
N HIS A 36 -7.92 24.37 -5.17
CA HIS A 36 -8.48 24.13 -3.86
C HIS A 36 -7.67 23.07 -3.06
N CYS A 37 -7.15 22.05 -3.74
CA CYS A 37 -6.28 21.05 -3.14
C CYS A 37 -4.85 21.43 -3.22
N LEU A 38 -4.51 22.15 -4.30
CA LEU A 38 -3.15 22.46 -4.57
C LEU A 38 -3.07 23.96 -4.79
N PRO A 39 -3.14 24.74 -3.70
CA PRO A 39 -2.82 26.15 -3.82
C PRO A 39 -1.41 26.34 -4.35
N THR A 40 -1.12 27.53 -4.82
CA THR A 40 0.06 27.74 -5.64
CA THR A 40 0.10 27.83 -5.60
C THR A 40 1.39 27.22 -5.03
N GLU A 41 1.65 27.52 -3.75
CA GLU A 41 2.86 27.08 -3.06
CA GLU A 41 2.88 27.07 -3.08
C GLU A 41 2.97 25.54 -3.01
N LYS A 42 1.84 24.88 -2.77
CA LYS A 42 1.78 23.43 -2.71
C LYS A 42 1.96 22.82 -4.11
N LEU A 43 1.37 23.47 -5.09
CA LEU A 43 1.51 23.00 -6.47
C LEU A 43 2.97 23.17 -6.93
N GLN A 44 3.59 24.28 -6.56
CA GLN A 44 4.98 24.56 -6.98
C GLN A 44 5.96 23.57 -6.39
N ARG A 45 5.60 22.93 -5.28
CA ARG A 45 6.51 22.03 -4.59
C ARG A 45 6.24 20.57 -4.93
N CYS A 46 5.33 20.29 -5.87
CA CYS A 46 5.09 18.92 -6.26
C CYS A 46 6.24 18.29 -7.03
N GLU A 47 6.56 17.05 -6.63
CA GLU A 47 7.48 16.16 -7.37
CA GLU A 47 7.50 16.14 -7.34
C GLU A 47 6.79 14.81 -7.53
N LYS A 48 6.89 14.22 -8.74
CA LYS A 48 6.24 12.95 -8.98
C LYS A 48 6.99 11.79 -8.32
N ILE A 49 6.27 10.92 -7.69
CA ILE A 49 6.84 9.77 -6.95
C ILE A 49 6.34 8.41 -7.39
N GLY A 50 5.25 8.32 -8.15
CA GLY A 50 4.75 7.04 -8.54
C GLY A 50 3.71 7.18 -9.63
N GLU A 51 3.37 6.03 -10.24
CA GLU A 51 2.40 6.01 -11.31
C GLU A 51 1.81 4.63 -11.44
N GLY A 52 0.65 4.58 -12.07
CA GLY A 52 0.04 3.32 -12.49
C GLY A 52 -0.86 3.60 -13.66
N VAL A 53 -1.48 2.57 -14.19
CA VAL A 53 -2.41 2.72 -15.30
CA VAL A 53 -2.37 2.77 -15.33
C VAL A 53 -3.51 3.74 -15.02
N PHE A 54 -3.97 3.79 -13.78
CA PHE A 54 -5.12 4.63 -13.45
C PHE A 54 -4.73 5.93 -12.76
N GLY A 55 -3.47 6.28 -12.66
CA GLY A 55 -3.17 7.66 -12.21
C GLY A 55 -1.72 7.88 -11.78
N GLU A 56 -1.55 8.96 -11.01
CA GLU A 56 -0.23 9.58 -10.79
C GLU A 56 -0.15 9.90 -9.30
N VAL A 57 1.03 9.78 -8.71
CA VAL A 57 1.24 10.15 -7.31
C VAL A 57 2.36 11.17 -7.22
N PHE A 58 2.10 12.25 -6.51
CA PHE A 58 3.04 13.35 -6.27
C PHE A 58 3.30 13.51 -4.80
N GLN A 59 4.48 13.94 -4.45
CA GLN A 59 4.82 14.41 -3.11
CA GLN A 59 4.75 14.42 -3.11
C GLN A 59 4.82 15.92 -3.14
N THR A 60 4.34 16.56 -2.08
CA THR A 60 4.46 17.97 -1.90
C THR A 60 4.55 18.31 -0.42
N ILE A 61 4.46 19.55 -0.09
CA ILE A 61 4.70 20.04 1.31
CA ILE A 61 4.61 19.94 1.31
C ILE A 61 3.59 20.99 1.62
N ALA A 62 3.00 20.87 2.81
CA ALA A 62 2.24 22.02 3.30
C ALA A 62 2.39 22.01 4.84
N ASP A 63 2.41 23.20 5.39
CA ASP A 63 2.73 23.39 6.81
C ASP A 63 3.92 22.56 7.21
N HIS A 64 4.99 22.67 6.37
CA HIS A 64 6.30 22.09 6.66
C HIS A 64 6.34 20.60 6.65
N THR A 65 5.27 19.93 6.19
CA THR A 65 5.10 18.50 6.30
C THR A 65 4.87 17.87 4.94
N PRO A 66 5.64 16.85 4.56
CA PRO A 66 5.36 16.21 3.26
C PRO A 66 4.04 15.49 3.30
N VAL A 67 3.40 15.44 2.12
CA VAL A 67 2.22 14.65 1.89
C VAL A 67 2.28 14.03 0.51
N ALA A 68 1.47 13.02 0.29
CA ALA A 68 1.38 12.32 -1.01
C ALA A 68 0.00 12.57 -1.58
N ILE A 69 -0.04 12.89 -2.84
CA ILE A 69 -1.27 13.26 -3.53
C ILE A 69 -1.44 12.26 -4.68
N LYS A 70 -2.54 11.52 -4.68
CA LYS A 70 -2.88 10.54 -5.73
C LYS A 70 -4.02 11.08 -6.54
N ILE A 71 -3.82 11.15 -7.85
CA ILE A 71 -4.76 11.82 -8.78
C ILE A 71 -5.23 10.81 -9.81
N ILE A 72 -6.54 10.59 -9.85
CA ILE A 72 -7.17 9.58 -10.71
C ILE A 72 -8.24 10.26 -11.55
N ALA A 73 -8.12 10.17 -12.88
CA ALA A 73 -9.18 10.68 -13.77
C ALA A 73 -10.39 9.77 -13.72
N ILE A 74 -11.58 10.34 -13.67
CA ILE A 74 -12.84 9.55 -13.64
C ILE A 74 -13.86 10.07 -14.62
N GLU A 75 -14.74 9.16 -15.05
CA GLU A 75 -16.03 9.42 -15.67
C GLU A 75 -15.98 9.78 -17.14
N GLY A 76 -14.79 9.98 -17.70
CA GLY A 76 -14.63 10.38 -19.11
C GLY A 76 -14.63 9.21 -20.05
N PRO A 77 -14.94 9.49 -21.29
CA PRO A 77 -15.07 8.40 -22.26
C PRO A 77 -13.75 8.00 -22.90
N ASP A 78 -12.70 8.82 -22.74
CA ASP A 78 -11.44 8.53 -23.39
C ASP A 78 -10.46 7.63 -22.69
N LEU A 79 -9.55 7.05 -23.48
CA LEU A 79 -8.49 6.22 -22.92
C LEU A 79 -7.46 7.07 -22.20
N VAL A 80 -6.97 6.56 -21.11
CA VAL A 80 -5.87 7.15 -20.37
C VAL A 80 -4.89 6.01 -20.12
N ASN A 81 -3.65 6.18 -20.57
CA ASN A 81 -2.63 5.11 -20.42
C ASN A 81 -3.12 3.80 -21.02
N GLY A 82 -3.92 3.88 -22.05
CA GLY A 82 -4.38 2.67 -22.76
C GLY A 82 -5.60 1.99 -22.20
N SER A 83 -6.19 2.54 -21.14
CA SER A 83 -7.33 1.92 -20.42
C SER A 83 -8.46 2.94 -20.26
N HIS A 84 -9.70 2.49 -20.19
CA HIS A 84 -10.81 3.35 -19.84
C HIS A 84 -10.72 3.85 -18.44
N GLN A 85 -11.25 5.05 -18.25
CA GLN A 85 -11.31 5.67 -16.96
C GLN A 85 -12.31 4.98 -16.09
N LYS A 86 -11.99 4.89 -14.82
CA LYS A 86 -12.94 4.39 -13.82
C LYS A 86 -14.06 5.39 -13.60
N THR A 87 -15.20 4.91 -13.12
CA THR A 87 -16.27 5.77 -12.69
C THR A 87 -16.08 6.16 -11.21
N PHE A 88 -16.83 7.14 -10.75
CA PHE A 88 -16.79 7.51 -9.32
C PHE A 88 -17.20 6.30 -8.45
N GLU A 89 -18.17 5.54 -8.91
CA GLU A 89 -18.65 4.38 -8.17
CA GLU A 89 -18.65 4.35 -8.17
C GLU A 89 -17.55 3.32 -8.04
N GLU A 90 -16.65 3.23 -9.03
CA GLU A 90 -15.55 2.29 -8.97
C GLU A 90 -14.39 2.74 -8.08
N ILE A 91 -14.30 4.04 -7.79
CA ILE A 91 -13.25 4.57 -6.89
C ILE A 91 -13.74 4.63 -5.46
N LEU A 92 -15.06 4.62 -5.26
CA LEU A 92 -15.60 4.72 -3.91
C LEU A 92 -15.07 3.64 -2.94
N PRO A 93 -14.96 2.38 -3.36
CA PRO A 93 -14.43 1.38 -2.42
C PRO A 93 -13.07 1.76 -1.88
N GLU A 94 -12.15 2.21 -2.73
CA GLU A 94 -10.84 2.64 -2.23
C GLU A 94 -10.97 3.80 -1.26
N ILE A 95 -11.84 4.75 -1.51
CA ILE A 95 -11.99 5.90 -0.62
C ILE A 95 -12.48 5.42 0.71
N ILE A 96 -13.53 4.58 0.72
CA ILE A 96 -14.07 4.07 1.97
C ILE A 96 -13.04 3.30 2.78
N ILE A 97 -12.34 2.39 2.13
CA ILE A 97 -11.35 1.55 2.82
C ILE A 97 -10.19 2.38 3.32
N SER A 98 -9.75 3.36 2.52
CA SER A 98 -8.71 4.24 3.00
C SER A 98 -9.07 4.95 4.31
N LYS A 99 -10.29 5.42 4.38
CA LYS A 99 -10.77 6.12 5.58
C LYS A 99 -10.81 5.13 6.75
N GLU A 100 -11.43 3.97 6.55
CA GLU A 100 -11.54 3.04 7.68
C GLU A 100 -10.22 2.64 8.25
N LEU A 101 -9.25 2.37 7.39
CA LEU A 101 -7.92 1.95 7.84
C LEU A 101 -7.17 3.09 8.49
N SER A 102 -7.31 4.29 7.97
CA SER A 102 -6.70 5.48 8.61
C SER A 102 -7.23 5.66 10.02
N LEU A 103 -8.55 5.46 10.21
CA LEU A 103 -9.16 5.67 11.49
C LEU A 103 -8.71 4.69 12.57
N LEU A 104 -8.11 3.56 12.16
CA LEU A 104 -7.60 2.60 13.15
C LEU A 104 -6.52 3.21 14.04
N SER A 105 -5.89 4.30 13.60
CA SER A 105 -4.90 4.93 14.51
C SER A 105 -5.48 5.56 15.70
N GLY A 106 -6.78 5.89 15.68
CA GLY A 106 -7.46 6.52 16.79
C GLY A 106 -8.46 5.65 17.57
N GLU A 107 -8.51 4.37 17.20
CA GLU A 107 -9.39 3.42 17.91
C GLU A 107 -8.80 2.91 19.19
N VAL A 108 -9.57 2.08 19.92
CA VAL A 108 -9.18 1.69 21.28
C VAL A 108 -8.95 0.19 21.32
N CYS A 109 -9.96 -0.62 21.02
CA CYS A 109 -9.79 -2.07 21.13
C CYS A 109 -8.90 -2.65 20.04
N ASN A 110 -9.03 -2.10 18.84
CA ASN A 110 -8.24 -2.54 17.71
C ASN A 110 -7.61 -1.32 17.10
N ARG A 111 -6.33 -1.08 17.43
CA ARG A 111 -5.64 0.19 17.14
C ARG A 111 -4.33 -0.14 16.48
N THR A 112 -4.06 0.52 15.36
CA THR A 112 -2.74 0.42 14.68
C THR A 112 -2.51 1.69 13.91
N GLU A 113 -1.25 2.13 13.81
CA GLU A 113 -0.86 3.19 12.89
C GLU A 113 -0.19 2.61 11.66
N GLY A 114 -0.31 1.32 11.41
N GLY A 114 -0.31 1.32 11.41
CA GLY A 114 0.41 0.70 10.31
CA GLY A 114 0.44 0.69 10.33
C GLY A 114 -0.19 0.85 8.92
C GLY A 114 -0.15 0.79 8.93
N PHE A 115 -1.34 1.52 8.83
N PHE A 115 -1.30 1.42 8.81
CA PHE A 115 -1.92 1.90 7.54
CA PHE A 115 -1.81 1.72 7.49
C PHE A 115 -1.75 3.39 7.29
C PHE A 115 -1.28 3.08 7.14
N ILE A 116 -1.63 3.77 6.04
N ILE A 116 -2.00 3.88 6.40
CA ILE A 116 -1.34 5.20 5.76
CA ILE A 116 -1.46 5.20 5.98
C ILE A 116 -2.48 6.14 6.23
C ILE A 116 -2.52 6.18 6.28
N GLY A 117 -2.16 7.34 6.79
CA GLY A 117 -3.13 8.31 7.09
C GLY A 117 -3.79 8.91 5.87
N LEU A 118 -5.08 9.15 5.96
CA LEU A 118 -5.82 9.81 4.91
C LEU A 118 -6.16 11.19 5.37
N ASN A 119 -5.67 12.21 4.66
CA ASN A 119 -5.92 13.59 5.04
C ASN A 119 -7.20 14.18 4.45
N SER A 120 -7.45 13.91 3.16
CA SER A 120 -8.61 14.48 2.49
C SER A 120 -8.83 13.75 1.19
N VAL A 121 -10.06 13.89 0.70
CA VAL A 121 -10.45 13.42 -0.61
C VAL A 121 -11.30 14.48 -1.23
N HIS A 122 -10.99 14.81 -2.49
CA HIS A 122 -11.76 15.79 -3.24
C HIS A 122 -12.09 15.28 -4.64
N CYS A 123 -13.21 15.77 -5.18
CA CYS A 123 -13.52 15.64 -6.58
C CYS A 123 -13.22 16.99 -7.21
N VAL A 124 -12.29 16.99 -8.20
CA VAL A 124 -11.78 18.15 -8.81
C VAL A 124 -12.19 18.14 -10.28
N GLN A 125 -12.39 19.32 -10.85
CA GLN A 125 -12.71 19.45 -12.28
CA GLN A 125 -12.70 19.44 -12.26
C GLN A 125 -11.73 20.40 -12.91
N GLY A 126 -11.17 20.03 -14.07
CA GLY A 126 -10.31 20.93 -14.85
C GLY A 126 -9.25 20.23 -15.65
N SER A 127 -8.51 20.97 -16.47
CA SER A 127 -7.38 20.40 -17.17
C SER A 127 -6.25 20.22 -16.20
N TYR A 128 -5.31 19.39 -16.56
CA TYR A 128 -4.20 19.12 -15.68
C TYR A 128 -3.34 20.36 -15.44
N PRO A 129 -3.01 20.65 -14.18
CA PRO A 129 -2.21 21.85 -13.95
C PRO A 129 -0.86 21.80 -14.65
N PRO A 130 -0.50 22.85 -15.36
CA PRO A 130 0.83 22.91 -15.97
C PRO A 130 1.97 22.64 -14.99
N LEU A 131 1.83 23.01 -13.73
CA LEU A 131 2.89 22.72 -12.75
C LEU A 131 3.03 21.22 -12.42
N LEU A 132 1.93 20.50 -12.50
CA LEU A 132 2.03 19.04 -12.35
C LEU A 132 2.62 18.40 -13.60
N LEU A 133 2.35 18.97 -14.75
CA LEU A 133 2.99 18.53 -16.03
C LEU A 133 4.51 18.68 -15.96
N LYS A 134 4.97 19.76 -15.34
CA LYS A 134 6.41 19.97 -15.14
C LYS A 134 7.01 18.85 -14.28
N ALA A 135 6.36 18.51 -13.17
CA ALA A 135 6.81 17.43 -12.36
C ALA A 135 6.78 16.08 -13.11
N TRP A 136 5.69 15.87 -13.87
CA TRP A 136 5.54 14.62 -14.64
C TRP A 136 6.71 14.49 -15.64
N ASP A 137 7.02 15.59 -16.29
CA ASP A 137 8.12 15.61 -17.30
C ASP A 137 9.45 15.29 -16.64
N HIS A 138 9.69 15.83 -15.45
CA HIS A 138 10.93 15.60 -14.78
C HIS A 138 11.12 14.14 -14.47
N TYR A 139 10.08 13.49 -13.96
CA TYR A 139 10.09 12.05 -13.73
C TYR A 139 10.32 11.24 -15.02
N ASN A 140 9.65 11.62 -16.10
CA ASN A 140 9.81 10.91 -17.36
C ASN A 140 11.27 10.98 -17.84
N SER A 141 11.88 12.15 -17.66
CA SER A 141 13.29 12.38 -18.06
C SER A 141 14.30 11.60 -17.25
N THR A 142 14.04 11.43 -15.97
CA THR A 142 15.00 10.82 -15.04
C THR A 142 14.76 9.34 -14.82
N LYS A 143 13.52 8.94 -14.59
CA LYS A 143 13.16 7.54 -14.28
C LYS A 143 12.52 6.86 -15.49
N GLY A 144 11.82 7.62 -16.33
CA GLY A 144 11.02 7.03 -17.43
C GLY A 144 9.62 6.62 -16.96
N SER A 145 8.63 6.92 -17.81
CA SER A 145 7.25 6.66 -17.48
C SER A 145 6.68 5.68 -18.49
N ALA A 146 5.78 4.84 -17.99
CA ALA A 146 4.92 3.98 -18.86
C ALA A 146 3.60 4.67 -19.30
N ASN A 147 3.35 5.87 -18.80
CA ASN A 147 2.08 6.55 -18.99
C ASN A 147 2.15 7.61 -20.06
N ASP A 148 0.97 7.98 -20.55
CA ASP A 148 0.83 9.13 -21.40
C ASP A 148 1.07 10.43 -20.61
N ARG A 149 1.66 11.40 -21.27
CA ARG A 149 1.78 12.73 -20.67
C ARG A 149 0.37 13.31 -20.49
N PRO A 150 0.00 13.69 -19.24
CA PRO A 150 -1.42 13.94 -18.97
C PRO A 150 -1.80 15.34 -19.38
N ASP A 151 -1.54 15.74 -20.63
CA ASP A 151 -1.75 17.10 -21.11
C ASP A 151 -2.98 17.25 -22.02
N PHE A 152 -3.79 16.20 -22.13
CA PHE A 152 -4.85 16.12 -23.11
C PHE A 152 -6.25 16.23 -22.47
N PHE A 153 -6.30 16.45 -21.16
CA PHE A 153 -7.57 16.56 -20.47
C PHE A 153 -8.18 17.91 -20.69
N LYS A 154 -9.48 17.95 -20.91
CA LYS A 154 -10.23 19.19 -21.08
C LYS A 154 -10.69 19.80 -19.76
N ASP A 155 -11.25 21.02 -19.84
CA ASP A 155 -11.61 21.76 -18.62
C ASP A 155 -12.86 21.18 -17.94
N ASP A 156 -13.55 20.21 -18.59
CA ASP A 156 -14.63 19.47 -17.88
C ASP A 156 -14.22 18.17 -17.29
N GLN A 157 -12.95 17.80 -17.34
CA GLN A 157 -12.52 16.49 -16.81
C GLN A 157 -12.67 16.46 -15.31
N LEU A 158 -13.19 15.34 -14.81
CA LEU A 158 -13.24 15.08 -13.36
C LEU A 158 -12.09 14.19 -12.94
N PHE A 159 -11.63 14.43 -11.69
CA PHE A 159 -10.61 13.65 -11.03
C PHE A 159 -11.00 13.42 -9.57
N ILE A 160 -10.54 12.32 -9.04
CA ILE A 160 -10.49 12.17 -7.55
C ILE A 160 -9.06 12.45 -7.12
N VAL A 161 -8.92 13.32 -6.15
CA VAL A 161 -7.62 13.63 -5.56
C VAL A 161 -7.61 13.14 -4.11
N LEU A 162 -6.75 12.20 -3.79
CA LEU A 162 -6.64 11.63 -2.43
C LEU A 162 -5.33 12.19 -1.85
N GLU A 163 -5.37 12.81 -0.69
CA GLU A 163 -4.16 13.34 0.00
C GLU A 163 -3.92 12.45 1.17
N PHE A 164 -2.75 11.86 1.20
CA PHE A 164 -2.30 10.96 2.23
C PHE A 164 -1.09 11.49 2.96
N GLU A 165 -0.93 11.02 4.20
CA GLU A 165 0.36 11.08 4.90
C GLU A 165 1.46 10.59 3.94
N PHE A 166 2.61 11.25 4.03
CA PHE A 166 3.79 10.73 3.32
C PHE A 166 4.38 9.61 4.14
N GLY A 167 4.38 8.42 3.55
CA GLY A 167 4.73 7.21 4.33
C GLY A 167 6.16 6.77 4.18
N GLY A 168 6.98 7.47 3.42
CA GLY A 168 8.38 7.07 3.23
C GLY A 168 8.57 6.49 1.83
N ILE A 169 9.49 5.54 1.71
CA ILE A 169 9.93 4.99 0.44
C ILE A 169 9.47 3.54 0.39
N ASP A 170 9.04 3.07 -0.77
CA ASP A 170 8.55 1.71 -0.87
C ASP A 170 9.69 0.67 -0.73
N LEU A 171 9.28 -0.49 -0.23
CA LEU A 171 10.17 -1.58 0.07
C LEU A 171 10.98 -2.00 -1.18
N GLU A 172 10.34 -1.99 -2.35
CA GLU A 172 11.07 -2.34 -3.59
C GLU A 172 12.21 -1.36 -3.82
N GLN A 173 11.98 -0.04 -3.67
CA GLN A 173 13.03 0.95 -3.81
C GLN A 173 14.07 0.93 -2.73
N MET A 174 13.74 0.29 -1.60
CA MET A 174 14.67 0.05 -0.51
C MET A 174 15.37 -1.30 -0.55
N ARG A 175 15.32 -1.96 -1.71
CA ARG A 175 15.91 -3.29 -1.89
C ARG A 175 17.32 -3.33 -1.42
N THR A 176 18.12 -2.30 -1.70
CA THR A 176 19.56 -2.28 -1.36
C THR A 176 19.92 -1.33 -0.21
N LYS A 177 18.91 -0.88 0.55
CA LYS A 177 19.09 0.24 1.49
C LYS A 177 18.95 -0.09 2.97
N LEU A 178 18.53 -1.28 3.32
CA LEU A 178 18.31 -1.65 4.72
C LEU A 178 19.52 -2.17 5.40
N SER A 179 19.58 -1.98 6.71
CA SER A 179 20.76 -2.28 7.47
CA SER A 179 20.79 -2.28 7.46
C SER A 179 21.12 -3.77 7.53
N SER A 180 20.18 -4.57 7.94
CA SER A 180 20.40 -5.99 8.18
C SER A 180 19.06 -6.73 8.24
N LEU A 181 19.12 -8.05 8.33
CA LEU A 181 17.93 -8.86 8.48
C LEU A 181 17.20 -8.62 9.80
N ALA A 182 17.82 -8.03 10.80
CA ALA A 182 17.08 -7.62 12.00
C ALA A 182 16.00 -6.63 11.60
N THR A 183 16.28 -5.73 10.66
CA THR A 183 15.27 -4.78 10.19
CA THR A 183 15.32 -4.77 10.18
C THR A 183 14.16 -5.49 9.47
N ALA A 184 14.49 -6.49 8.67
CA ALA A 184 13.47 -7.25 7.97
C ALA A 184 12.51 -7.89 8.95
N LYS A 185 12.99 -8.33 10.09
CA LYS A 185 12.16 -8.91 11.12
CA LYS A 185 12.15 -8.93 11.12
C LYS A 185 11.11 -7.90 11.67
N SER A 186 11.59 -6.72 12.00
CA SER A 186 10.69 -5.66 12.46
C SER A 186 9.66 -5.36 11.42
N ILE A 187 10.02 -5.29 10.15
CA ILE A 187 9.10 -5.01 9.10
C ILE A 187 8.02 -6.05 9.04
N LEU A 188 8.40 -7.31 9.08
CA LEU A 188 7.42 -8.40 9.02
C LEU A 188 6.50 -8.40 10.23
N HIS A 189 7.03 -8.12 11.40
CA HIS A 189 6.20 -8.03 12.60
C HIS A 189 5.19 -6.88 12.54
N GLN A 190 5.66 -5.71 12.07
CA GLN A 190 4.74 -4.55 11.86
C GLN A 190 3.66 -4.87 10.89
N LEU A 191 4.00 -5.46 9.75
CA LEU A 191 2.99 -5.81 8.75
C LEU A 191 1.94 -6.78 9.31
N THR A 192 2.44 -7.84 9.97
CA THR A 192 1.56 -8.87 10.52
C THR A 192 0.63 -8.28 11.56
N ALA A 193 1.15 -7.44 12.43
CA ALA A 193 0.31 -6.82 13.45
C ALA A 193 -0.76 -5.91 12.86
N SER A 194 -0.39 -5.09 11.86
CA SER A 194 -1.36 -4.19 11.28
C SER A 194 -2.48 -4.97 10.61
N LEU A 195 -2.12 -6.02 9.87
CA LEU A 195 -3.13 -6.83 9.20
C LEU A 195 -4.01 -7.55 10.21
N ALA A 196 -3.41 -8.01 11.33
CA ALA A 196 -4.19 -8.68 12.36
C ALA A 196 -5.23 -7.73 12.97
N VAL A 197 -4.81 -6.51 13.27
CA VAL A 197 -5.73 -5.52 13.83
C VAL A 197 -6.89 -5.22 12.89
N ALA A 198 -6.59 -5.11 11.60
CA ALA A 198 -7.61 -4.86 10.60
C ALA A 198 -8.50 -6.08 10.38
N GLU A 199 -7.93 -7.28 10.45
CA GLU A 199 -8.78 -8.49 10.45
C GLU A 199 -9.80 -8.45 11.59
N ALA A 200 -9.30 -8.13 12.78
CA ALA A 200 -10.15 -8.17 13.97
C ALA A 200 -11.24 -7.12 13.93
N SER A 201 -10.89 -5.93 13.46
CA SER A 201 -11.80 -4.77 13.49
CA SER A 201 -11.84 -4.85 13.54
C SER A 201 -12.79 -4.80 12.33
N LEU A 202 -12.29 -5.19 11.14
CA LEU A 202 -12.97 -4.89 9.85
C LEU A 202 -13.11 -6.12 8.94
N ARG A 203 -12.63 -7.30 9.38
CA ARG A 203 -12.59 -8.45 8.50
C ARG A 203 -11.94 -8.06 7.16
N PHE A 204 -10.76 -7.46 7.31
CA PHE A 204 -10.01 -6.90 6.22
C PHE A 204 -9.11 -7.90 5.53
N GLU A 205 -9.05 -7.81 4.19
CA GLU A 205 -8.03 -8.44 3.36
C GLU A 205 -7.44 -7.37 2.48
N HIS A 206 -6.12 -7.26 2.44
CA HIS A 206 -5.51 -6.25 1.57
C HIS A 206 -5.62 -6.62 0.08
N ARG A 207 -5.24 -7.86 -0.23
CA ARG A 207 -5.33 -8.49 -1.54
C ARG A 207 -4.33 -8.03 -2.62
N ASP A 208 -3.44 -7.11 -2.32
CA ASP A 208 -2.43 -6.66 -3.32
C ASP A 208 -1.21 -6.10 -2.64
N LEU A 209 -0.70 -6.83 -1.65
CA LEU A 209 0.36 -6.31 -0.77
C LEU A 209 1.74 -6.64 -1.29
N HIS A 210 1.99 -6.29 -2.54
CA HIS A 210 3.31 -6.43 -3.10
C HIS A 210 4.26 -5.37 -2.55
N TRP A 211 5.54 -5.50 -2.82
CA TRP A 211 6.52 -4.65 -2.19
C TRP A 211 6.55 -3.21 -2.65
N GLY A 212 5.78 -2.84 -3.67
CA GLY A 212 5.55 -1.43 -3.99
C GLY A 212 4.48 -0.79 -3.16
N ASN A 213 3.78 -1.59 -2.38
CA ASN A 213 2.66 -1.13 -1.55
C ASN A 213 2.95 -1.18 -0.06
N VAL A 214 4.22 -1.34 0.27
CA VAL A 214 4.73 -1.31 1.62
C VAL A 214 5.69 -0.16 1.70
N LEU A 215 5.50 0.81 2.60
CA LEU A 215 6.40 1.97 2.72
C LEU A 215 7.15 1.96 4.01
N LEU A 216 8.38 2.50 3.99
CA LEU A 216 9.24 2.59 5.15
C LEU A 216 9.69 3.98 5.40
N LYS A 217 9.57 4.45 6.65
CA LYS A 217 10.06 5.78 7.04
C LYS A 217 10.84 5.67 8.32
N LYS A 218 11.88 6.51 8.46
CA LYS A 218 12.63 6.56 9.70
C LYS A 218 11.74 7.04 10.84
N THR A 219 11.96 6.43 11.98
CA THR A 219 11.36 6.89 13.25
C THR A 219 12.40 6.92 14.32
N SER A 220 12.29 7.89 15.24
CA SER A 220 13.10 7.89 16.45
C SER A 220 12.51 7.08 17.59
N LEU A 221 11.30 6.55 17.42
CA LEU A 221 10.72 5.73 18.45
C LEU A 221 11.42 4.38 18.45
N LYS A 222 11.73 3.86 19.61
CA LYS A 222 12.34 2.55 19.73
C LYS A 222 11.34 1.43 19.64
N LYS A 223 10.09 1.71 20.04
CA LYS A 223 9.01 0.70 20.08
C LYS A 223 7.82 1.32 19.44
N LEU A 224 7.10 0.50 18.71
CA LEU A 224 5.78 0.86 18.13
C LEU A 224 4.70 0.13 18.88
N HIS A 225 3.52 0.73 18.97
CA HIS A 225 2.42 0.22 19.80
C HIS A 225 1.24 -0.18 18.95
N TYR A 226 0.60 -1.28 19.30
CA TYR A 226 -0.71 -1.67 18.70
C TYR A 226 -1.57 -2.27 19.77
N THR A 227 -2.88 -2.33 19.53
CA THR A 227 -3.81 -3.04 20.42
C THR A 227 -4.66 -3.97 19.56
N LEU A 228 -4.76 -5.24 19.95
CA LEU A 228 -5.53 -6.26 19.27
C LEU A 228 -6.55 -6.81 20.25
N ASN A 229 -7.82 -6.65 19.91
CA ASN A 229 -8.94 -7.07 20.75
C ASN A 229 -8.72 -6.73 22.22
N GLY A 230 -8.34 -5.46 22.43
CA GLY A 230 -8.13 -4.93 23.76
C GLY A 230 -6.82 -5.21 24.45
N LYS A 231 -5.95 -6.00 23.82
CA LYS A 231 -4.63 -6.31 24.40
CA LYS A 231 -4.64 -6.32 24.39
C LYS A 231 -3.55 -5.50 23.66
N SER A 232 -2.86 -4.66 24.41
CA SER A 232 -1.80 -3.79 23.87
C SER A 232 -0.42 -4.45 23.90
N SER A 233 0.34 -4.28 22.84
CA SER A 233 1.70 -4.83 22.76
CA SER A 233 1.74 -4.77 22.85
C SER A 233 2.61 -3.85 22.05
N THR A 234 3.89 -4.15 21.99
CA THR A 234 4.87 -3.33 21.32
C THR A 234 5.73 -4.14 20.38
N ILE A 235 6.30 -3.44 19.42
CA ILE A 235 7.18 -4.01 18.44
C ILE A 235 8.44 -3.13 18.37
N PRO A 236 9.65 -3.72 18.54
CA PRO A 236 10.85 -2.91 18.32
C PRO A 236 10.95 -2.46 16.91
N SER A 237 11.18 -1.15 16.70
CA SER A 237 11.11 -0.54 15.43
C SER A 237 12.31 -0.77 14.50
N CYS A 238 13.48 -0.98 15.11
CA CYS A 238 14.76 -0.97 14.34
C CYS A 238 14.88 0.30 13.53
N GLY A 239 14.31 1.38 14.06
CA GLY A 239 14.39 2.66 13.42
C GLY A 239 13.49 2.92 12.25
N LEU A 240 12.52 2.05 11.98
CA LEU A 240 11.62 2.22 10.83
C LEU A 240 10.17 2.01 11.25
N GLN A 241 9.32 2.82 10.64
CA GLN A 241 7.88 2.64 10.75
C GLN A 241 7.36 2.24 9.38
N VAL A 242 6.61 1.15 9.35
CA VAL A 242 6.01 0.60 8.16
C VAL A 242 4.60 1.16 7.96
N SER A 243 4.25 1.56 6.75
CA SER A 243 2.87 1.92 6.36
C SER A 243 2.45 1.09 5.18
N ILE A 244 1.30 0.46 5.26
CA ILE A 244 0.67 -0.25 4.15
C ILE A 244 -0.18 0.72 3.37
N ILE A 245 -0.08 0.68 2.07
CA ILE A 245 -0.87 1.54 1.14
C ILE A 245 -1.62 0.70 0.14
N ASP A 246 -2.51 1.40 -0.60
CA ASP A 246 -3.16 0.95 -1.83
CA ASP A 246 -3.16 0.95 -1.83
C ASP A 246 -4.26 -0.08 -1.61
N TYR A 247 -5.50 0.42 -1.55
CA TYR A 247 -6.63 -0.46 -1.24
C TYR A 247 -7.54 -0.74 -2.40
N THR A 248 -7.05 -0.60 -3.62
CA THR A 248 -7.86 -0.89 -4.83
C THR A 248 -8.43 -2.27 -4.90
N LEU A 249 -7.72 -3.30 -4.43
CA LEU A 249 -8.26 -4.65 -4.48
C LEU A 249 -8.78 -5.13 -3.13
N SER A 250 -8.77 -4.28 -2.11
CA SER A 250 -9.05 -4.71 -0.75
C SER A 250 -10.50 -4.96 -0.46
N ARG A 251 -10.74 -5.59 0.68
CA ARG A 251 -12.05 -6.02 1.13
C ARG A 251 -12.16 -5.80 2.61
N LEU A 252 -13.32 -5.32 3.06
CA LEU A 252 -13.63 -5.25 4.47
C LEU A 252 -15.12 -5.17 4.67
N GLU A 253 -15.55 -5.21 5.93
CA GLU A 253 -16.96 -5.10 6.19
C GLU A 253 -17.21 -4.36 7.48
N ARG A 254 -18.37 -3.72 7.53
CA ARG A 254 -18.90 -3.18 8.80
C ARG A 254 -20.40 -3.49 8.86
N ASP A 255 -20.81 -4.11 9.95
CA ASP A 255 -22.22 -4.47 10.16
C ASP A 255 -22.86 -5.26 8.95
N GLY A 256 -22.06 -6.20 8.41
CA GLY A 256 -22.47 -7.03 7.27
C GLY A 256 -22.49 -6.44 5.91
N ILE A 257 -22.09 -5.16 5.79
CA ILE A 257 -22.02 -4.51 4.53
C ILE A 257 -20.56 -4.69 4.09
N VAL A 258 -20.37 -5.39 2.99
CA VAL A 258 -19.05 -5.71 2.45
C VAL A 258 -18.67 -4.75 1.35
N VAL A 259 -17.47 -4.19 1.44
CA VAL A 259 -16.90 -3.33 0.44
C VAL A 259 -15.74 -4.11 -0.14
N PHE A 260 -15.73 -4.32 -1.45
CA PHE A 260 -14.70 -5.10 -2.13
C PHE A 260 -14.61 -4.81 -3.61
N CYS A 261 -13.59 -5.36 -4.25
CA CYS A 261 -13.47 -5.27 -5.71
C CYS A 261 -13.72 -6.62 -6.31
N ASP A 262 -14.79 -6.75 -7.13
CA ASP A 262 -15.14 -8.04 -7.70
C ASP A 262 -14.32 -8.26 -8.94
N VAL A 263 -13.24 -9.04 -8.82
CA VAL A 263 -12.39 -9.38 -9.93
C VAL A 263 -12.66 -10.78 -10.50
N SER A 264 -13.83 -11.36 -10.22
CA SER A 264 -14.12 -12.72 -10.67
C SER A 264 -14.05 -12.91 -12.19
N MET A 265 -14.33 -11.84 -12.94
CA MET A 265 -14.30 -11.91 -14.39
C MET A 265 -13.09 -11.24 -15.00
N ASP A 266 -12.07 -10.89 -14.18
CA ASP A 266 -10.92 -10.15 -14.70
C ASP A 266 -10.06 -11.08 -15.58
N GLU A 267 -9.74 -10.60 -16.79
CA GLU A 267 -9.07 -11.39 -17.83
C GLU A 267 -7.52 -11.30 -17.85
N ASP A 268 -6.95 -10.47 -16.96
CA ASP A 268 -5.51 -10.26 -16.93
C ASP A 268 -4.88 -10.46 -15.57
N LEU A 269 -5.63 -10.23 -14.49
CA LEU A 269 -5.05 -10.25 -13.15
C LEU A 269 -4.40 -11.54 -12.82
N PHE A 270 -4.92 -12.63 -13.34
CA PHE A 270 -4.49 -14.00 -12.98
C PHE A 270 -3.54 -14.67 -13.99
N THR A 271 -3.05 -13.90 -14.95
CA THR A 271 -2.19 -14.46 -16.00
C THR A 271 -0.78 -13.88 -16.00
N GLY A 272 -0.36 -13.25 -14.89
CA GLY A 272 0.99 -12.74 -14.79
C GLY A 272 2.04 -13.82 -14.57
N ASP A 273 3.30 -13.46 -14.85
CA ASP A 273 4.43 -14.40 -14.56
C ASP A 273 5.74 -13.63 -14.31
N GLY A 274 6.76 -14.32 -13.83
CA GLY A 274 8.08 -13.71 -13.62
C GLY A 274 8.37 -13.24 -12.21
N ASP A 275 7.41 -13.38 -11.31
CA ASP A 275 7.55 -12.96 -9.91
C ASP A 275 6.50 -13.76 -9.13
N TYR A 276 6.86 -14.26 -7.96
CA TYR A 276 5.90 -14.90 -7.10
C TYR A 276 4.64 -14.05 -6.85
N GLN A 277 4.78 -12.73 -6.87
CA GLN A 277 3.64 -11.85 -6.81
C GLN A 277 2.48 -12.35 -7.66
N PHE A 278 2.75 -12.71 -8.91
CA PHE A 278 1.68 -13.06 -9.82
C PHE A 278 1.02 -14.40 -9.49
N ASP A 279 1.74 -15.28 -8.78
CA ASP A 279 1.16 -16.52 -8.27
C ASP A 279 0.18 -16.20 -7.16
N ILE A 280 0.46 -15.16 -6.37
CA ILE A 280 -0.42 -14.85 -5.26
C ILE A 280 -1.85 -14.56 -5.72
N TYR A 281 -2.02 -13.86 -6.85
CA TYR A 281 -3.39 -13.61 -7.32
C TYR A 281 -4.11 -14.92 -7.61
N ARG A 282 -3.40 -15.86 -8.24
CA ARG A 282 -3.96 -17.17 -8.54
C ARG A 282 -4.24 -17.97 -7.28
N LEU A 283 -3.35 -17.92 -6.30
CA LEU A 283 -3.55 -18.61 -5.06
C LEU A 283 -4.72 -18.03 -4.23
N MET A 284 -4.92 -16.72 -4.26
CA MET A 284 -6.13 -16.14 -3.65
C MET A 284 -7.40 -16.66 -4.29
N LYS A 285 -7.40 -16.74 -5.63
CA LYS A 285 -8.55 -17.23 -6.38
C LYS A 285 -8.84 -18.70 -6.03
N LYS A 286 -7.80 -19.50 -5.84
CA LYS A 286 -7.98 -20.88 -5.37
C LYS A 286 -8.63 -20.93 -3.98
N GLU A 287 -8.09 -20.16 -3.04
CA GLU A 287 -8.58 -20.13 -1.66
C GLU A 287 -10.02 -19.69 -1.58
N ASN A 288 -10.43 -18.72 -2.40
CA ASN A 288 -11.79 -18.18 -2.28
C ASN A 288 -12.78 -18.70 -3.30
N ASN A 289 -12.35 -19.65 -4.14
CA ASN A 289 -13.24 -20.23 -5.19
C ASN A 289 -13.82 -19.16 -6.10
N ASN A 290 -13.03 -18.10 -6.32
CA ASN A 290 -13.42 -16.98 -7.15
C ASN A 290 -14.65 -16.20 -6.65
N ARG A 291 -14.86 -16.21 -5.33
CA ARG A 291 -15.95 -15.47 -4.70
C ARG A 291 -15.33 -14.41 -3.81
N TRP A 292 -15.22 -13.22 -4.37
CA TRP A 292 -14.39 -12.15 -3.75
C TRP A 292 -15.11 -11.40 -2.61
N GLY A 293 -16.41 -11.58 -2.47
CA GLY A 293 -17.13 -10.94 -1.39
C GLY A 293 -16.93 -11.64 -0.05
N GLU A 294 -16.58 -12.90 -0.09
CA GLU A 294 -16.38 -13.69 1.12
C GLU A 294 -15.11 -13.23 1.84
N TYR A 295 -15.05 -13.53 3.11
CA TYR A 295 -13.90 -13.27 3.96
C TYR A 295 -12.98 -14.51 4.05
N HIS A 296 -11.80 -14.31 3.49
CA HIS A 296 -10.71 -15.34 3.50
C HIS A 296 -9.43 -14.69 3.96
N PRO A 297 -9.24 -14.57 5.29
CA PRO A 297 -8.05 -13.88 5.80
C PRO A 297 -6.75 -14.62 5.48
N TYR A 298 -6.85 -15.85 4.98
CA TYR A 298 -5.67 -16.51 4.48
C TYR A 298 -4.97 -15.73 3.37
N SER A 299 -5.71 -14.91 2.62
CA SER A 299 -5.01 -14.08 1.64
C SER A 299 -3.95 -13.19 2.28
N ASN A 300 -4.20 -12.69 3.49
CA ASN A 300 -3.19 -11.89 4.17
C ASN A 300 -1.93 -12.71 4.45
N VAL A 301 -2.14 -13.97 4.83
CA VAL A 301 -1.00 -14.89 5.05
C VAL A 301 -0.23 -15.08 3.74
N LEU A 302 -0.92 -15.30 2.64
CA LEU A 302 -0.25 -15.42 1.33
C LEU A 302 0.61 -14.22 1.01
N TRP A 303 0.10 -13.01 1.19
CA TRP A 303 0.92 -11.83 0.97
C TRP A 303 2.08 -11.74 1.90
N LEU A 304 1.86 -12.04 3.18
CA LEU A 304 3.00 -12.01 4.13
C LEU A 304 4.04 -13.02 3.73
N HIS A 305 3.66 -14.16 3.15
CA HIS A 305 4.63 -15.16 2.68
C HIS A 305 5.42 -14.59 1.50
N TYR A 306 4.72 -13.98 0.54
CA TYR A 306 5.42 -13.31 -0.57
C TYR A 306 6.42 -12.25 -0.06
N LEU A 307 6.04 -11.48 0.95
CA LEU A 307 6.93 -10.46 1.52
C LEU A 307 8.11 -11.07 2.21
N THR A 308 7.90 -12.16 2.97
CA THR A 308 8.99 -12.86 3.62
C THR A 308 9.95 -13.43 2.57
N ASP A 309 9.39 -13.94 1.48
CA ASP A 309 10.17 -14.45 0.38
C ASP A 309 11.05 -13.34 -0.24
N LYS A 310 10.46 -12.15 -0.43
CA LYS A 310 11.26 -11.02 -0.88
C LYS A 310 12.40 -10.70 0.07
N MET A 311 12.14 -10.72 1.37
CA MET A 311 13.20 -10.40 2.33
C MET A 311 14.37 -11.34 2.23
N LEU A 312 14.09 -12.63 1.99
CA LEU A 312 15.10 -13.66 1.93
C LEU A 312 15.78 -13.80 0.61
N LYS A 313 15.15 -13.40 -0.48
CA LYS A 313 15.66 -13.70 -1.81
C LYS A 313 16.05 -12.49 -2.65
N GLN A 314 15.37 -11.34 -2.46
CA GLN A 314 15.55 -10.12 -3.29
CA GLN A 314 15.64 -10.18 -3.31
C GLN A 314 16.24 -9.00 -2.55
N MET A 315 15.86 -8.79 -1.30
CA MET A 315 16.49 -7.73 -0.48
C MET A 315 17.95 -8.09 -0.27
N THR A 316 18.81 -7.05 -0.29
CA THR A 316 20.22 -7.22 -0.05
C THR A 316 20.67 -6.20 0.98
N PHE A 317 21.30 -6.65 2.02
CA PHE A 317 21.48 -5.83 3.21
C PHE A 317 22.84 -5.28 3.31
N LYS A 318 22.98 -4.12 3.94
CA LYS A 318 24.28 -3.46 4.01
C LYS A 318 25.29 -4.20 4.85
N THR A 319 24.78 -4.82 5.92
CA THR A 319 25.51 -5.70 6.77
C THR A 319 24.86 -7.06 6.74
N LYS A 320 25.66 -8.07 6.39
CA LYS A 320 25.12 -9.40 6.25
C LYS A 320 25.25 -10.07 7.60
N CYS A 321 24.77 -11.32 7.63
CA CYS A 321 24.67 -12.07 8.88
C CYS A 321 26.04 -12.70 9.17
N ASN A 322 26.91 -11.89 9.80
CA ASN A 322 28.33 -12.24 10.02
C ASN A 322 28.63 -12.72 11.43
N THR A 323 27.64 -12.64 12.33
CA THR A 323 27.84 -13.10 13.70
C THR A 323 26.86 -14.23 13.96
N PRO A 324 27.15 -15.08 14.97
CA PRO A 324 26.18 -16.14 15.33
C PRO A 324 24.79 -15.62 15.61
N ALA A 325 24.68 -14.47 16.27
CA ALA A 325 23.39 -13.94 16.65
C ALA A 325 22.60 -13.51 15.39
N MET A 326 23.31 -12.96 14.40
CA MET A 326 22.64 -12.59 13.15
C MET A 326 22.30 -13.82 12.29
N LYS A 327 23.14 -14.85 12.31
CA LYS A 327 22.79 -16.08 11.63
C LYS A 327 21.54 -16.69 12.26
N GLN A 328 21.33 -16.46 13.57
CA GLN A 328 20.13 -16.94 14.24
C GLN A 328 18.88 -16.22 13.79
N ILE A 329 18.98 -14.91 13.64
CA ILE A 329 17.84 -14.16 13.12
C ILE A 329 17.46 -14.67 11.74
N LYS A 330 18.47 -14.88 10.89
CA LYS A 330 18.24 -15.44 9.57
C LYS A 330 17.51 -16.77 9.64
N ARG A 331 17.96 -17.64 10.54
CA ARG A 331 17.33 -18.94 10.66
C ARG A 331 15.89 -18.79 11.13
N LYS A 332 15.60 -17.85 12.03
CA LYS A 332 14.21 -17.62 12.44
C LYS A 332 13.29 -17.12 11.30
N ILE A 333 13.78 -16.23 10.46
CA ILE A 333 13.01 -15.78 9.34
C ILE A 333 12.85 -16.89 8.30
N GLN A 334 13.87 -17.70 8.10
CA GLN A 334 13.74 -18.90 7.25
C GLN A 334 12.69 -19.85 7.78
N GLU A 335 12.67 -20.03 9.08
CA GLU A 335 11.65 -20.92 9.69
C GLU A 335 10.25 -20.33 9.53
N PHE A 336 10.10 -19.01 9.64
CA PHE A 336 8.84 -18.34 9.38
C PHE A 336 8.38 -18.61 7.95
N HIS A 337 9.28 -18.44 6.99
CA HIS A 337 8.96 -18.65 5.60
C HIS A 337 8.41 -20.03 5.34
N ARG A 338 8.97 -21.04 5.98
CA ARG A 338 8.61 -22.46 5.66
C ARG A 338 7.42 -22.93 6.46
N THR A 339 6.98 -22.16 7.46
CA THR A 339 5.86 -22.58 8.32
C THR A 339 4.61 -21.74 8.21
N MET A 340 4.76 -20.47 7.84
CA MET A 340 3.66 -19.49 7.96
C MET A 340 2.44 -19.84 7.11
N LEU A 341 2.62 -20.55 6.01
CA LEU A 341 1.48 -20.94 5.18
C LEU A 341 0.54 -21.92 5.86
N ASN A 342 0.97 -22.51 7.00
CA ASN A 342 0.07 -23.35 7.83
C ASN A 342 -0.70 -22.60 8.90
N PHE A 343 -0.78 -21.29 8.77
CA PHE A 343 -1.58 -20.43 9.66
C PHE A 343 -2.76 -19.87 8.89
N SER A 344 -3.85 -19.57 9.60
CA SER A 344 -5.11 -19.27 8.92
CA SER A 344 -5.13 -19.26 8.96
C SER A 344 -5.37 -17.79 8.66
N SER A 345 -4.61 -16.91 9.28
CA SER A 345 -4.83 -15.46 9.20
C SER A 345 -3.65 -14.76 9.74
N ALA A 346 -3.52 -13.47 9.50
CA ALA A 346 -2.52 -12.66 10.19
C ALA A 346 -2.66 -12.71 11.70
N THR A 347 -3.91 -12.74 12.15
CA THR A 347 -4.19 -12.81 13.59
C THR A 347 -3.58 -14.09 14.17
N ASP A 348 -3.78 -15.21 13.49
CA ASP A 348 -3.20 -16.49 13.94
C ASP A 348 -1.67 -16.43 13.92
N LEU A 349 -1.08 -15.88 12.87
CA LEU A 349 0.37 -15.67 12.86
C LEU A 349 0.88 -14.84 14.02
N LEU A 350 0.25 -13.69 14.22
CA LEU A 350 0.70 -12.80 15.27
C LEU A 350 0.63 -13.44 16.65
N CYS A 351 -0.48 -14.12 16.90
CA CYS A 351 -0.78 -14.65 18.25
C CYS A 351 -0.09 -15.97 18.52
N GLN A 352 0.22 -16.74 17.48
CA GLN A 352 0.75 -18.11 17.67
CA GLN A 352 0.75 -18.09 17.69
C GLN A 352 2.13 -18.40 17.14
N HIS A 353 2.65 -17.61 16.17
CA HIS A 353 3.91 -17.96 15.55
C HIS A 353 5.08 -17.64 16.49
N SER A 354 6.03 -18.57 16.60
CA SER A 354 7.22 -18.37 17.44
C SER A 354 8.04 -17.14 17.11
N LEU A 355 8.03 -16.68 15.86
CA LEU A 355 8.84 -15.51 15.44
C LEU A 355 8.51 -14.28 16.30
N PHE A 356 7.28 -14.20 16.77
CA PHE A 356 6.78 -13.00 17.49
C PHE A 356 6.72 -13.15 19.01
N LYS A 357 7.36 -14.20 19.53
CA LYS A 357 7.45 -14.39 20.96
C LYS A 357 8.70 -13.71 21.50
N ALA B 1 5.88 -5.12 -8.55
N ALA B 1 5.96 -5.11 -8.76
CA ALA B 1 5.33 -4.63 -9.86
CA ALA B 1 5.35 -4.56 -10.00
C ALA B 1 3.87 -4.28 -9.65
C ALA B 1 3.91 -4.17 -9.73
N ARG B 2 3.32 -3.37 -10.47
N ARG B 2 3.35 -3.27 -10.53
CA ARG B 2 1.89 -3.14 -10.37
CA ARG B 2 1.92 -3.05 -10.47
C ARG B 2 1.11 -4.36 -10.87
C ARG B 2 1.18 -4.27 -11.01
N LYS B 3 -0.07 -4.58 -10.29
N LYS B 3 -0.01 -4.52 -10.45
CA LYS B 3 -0.89 -5.73 -10.63
CA LYS B 3 -0.82 -5.67 -10.85
C LYS B 3 -1.34 -5.73 -12.07
C LYS B 3 -1.30 -5.54 -12.29
N LYS B 4 -1.40 -4.55 -12.70
N LYS B 4 -1.29 -4.30 -12.80
CA LYS B 4 -1.71 -4.47 -14.10
CA LYS B 4 -1.74 -4.02 -14.14
C LYS B 4 -1.14 -3.22 -14.76
C LYS B 4 -0.71 -3.17 -14.89
N GLN B 5 -0.85 -3.35 -16.06
N GLN B 5 -0.73 -3.26 -16.22
CA GLN B 5 0.14 -2.56 -16.75
CA GLN B 5 0.26 -2.53 -17.01
C GLN B 5 -0.37 -2.36 -18.19
C GLN B 5 -0.11 -2.40 -18.48
N THR B 6 -0.11 -1.19 -18.80
N THR B 6 0.06 -1.19 -19.03
CA THR B 6 -0.44 -0.94 -20.21
CA THR B 6 -0.30 -0.92 -20.43
C THR B 6 0.06 -2.10 -21.07
C THR B 6 0.36 -1.92 -21.36
#